data_5SZX
#
_entry.id   5SZX
#
_cell.length_a   95.549
_cell.length_b   26.732
_cell.length_c   99.673
_cell.angle_alpha   90.00
_cell.angle_beta   97.25
_cell.angle_gamma   90.00
#
_symmetry.space_group_name_H-M   'C 1 2 1'
#
loop_
_entity.id
_entity.type
_entity.pdbx_description
1 polymer "DNA (5'-D(*TP*CP*TP*TP*CP*AP*TP*(5CM)P*GP*CP*TP*CP*AP*GP*TP*GP*CP*T)-3')"
2 polymer "DNA (5'-D(*AP*AP*GP*CP*AP*CP*TP*GP*AP*GP*(5CM)P*GP*AP*TP*GP*AP*AP*G)-3')"
3 polymer 'Zta transcription factor'
4 non-polymer 'PHOSPHATE ION'
5 water water
#
loop_
_entity_poly.entity_id
_entity_poly.type
_entity_poly.pdbx_seq_one_letter_code
_entity_poly.pdbx_strand_id
1 'polydeoxyribonucleotide' (DT)(DC)(DT)(DT)(DC)(DA)(DT)(5CM)(DG)(DC)(DT)(DC)(DA)(DG)(DT)(DG)(DC)(DT) C
2 'polydeoxyribonucleotide' (DA)(DA)(DG)(DC)(DA)(DC)(DT)(DG)(DA)(DG)(5CM)(DG)(DA)(DT)(DG)(DA)(DA)(DG) D
3 'polypeptide(L)' LEIKRYKNRVASRKSRAKFKQLLQHYREVAAAKSSENDRLRLLLKQMCPSLDVDSIIPRTPD A,B
#
# COMPACT_ATOMS: atom_id res chain seq x y z
N LEU C 1 14.98 17.74 -34.60
CA LEU C 1 16.10 16.87 -34.94
C LEU C 1 15.91 15.47 -34.37
N GLU C 2 16.67 14.52 -34.88
CA GLU C 2 16.62 13.14 -34.41
C GLU C 2 17.13 13.02 -32.97
N ILE C 3 18.11 13.85 -32.61
CA ILE C 3 18.66 13.84 -31.25
C ILE C 3 17.60 14.15 -30.19
N LYS C 4 16.76 15.14 -30.47
CA LYS C 4 15.71 15.52 -29.56
C LYS C 4 14.74 14.37 -29.31
N ARG C 5 14.45 13.63 -30.37
CA ARG C 5 13.52 12.51 -30.31
C ARG C 5 14.09 11.33 -29.54
N TYR C 6 15.35 11.02 -29.78
CA TYR C 6 15.97 9.86 -29.12
C TYR C 6 16.08 10.05 -27.61
N LYS C 7 16.46 11.24 -27.17
CA LYS C 7 16.56 11.49 -25.74
C LYS C 7 15.20 11.39 -25.06
N ASN C 8 14.20 11.98 -25.70
CA ASN C 8 12.85 12.00 -25.15
C ASN C 8 12.21 10.61 -25.14
N ARG C 9 12.61 9.77 -26.08
CA ARG C 9 12.10 8.41 -26.16
C ARG C 9 12.62 7.62 -24.95
N VAL C 10 13.91 7.79 -24.66
CA VAL C 10 14.53 7.14 -23.50
C VAL C 10 13.87 7.67 -22.22
N ALA C 11 13.62 8.97 -22.19
CA ALA C 11 12.99 9.60 -21.03
C ALA C 11 11.58 9.09 -20.81
N SER C 12 10.83 8.95 -21.89
CA SER C 12 9.48 8.40 -21.82
C SER C 12 9.48 6.98 -21.27
N ARG C 13 10.43 6.16 -21.74
CA ARG C 13 10.58 4.80 -21.26
C ARG C 13 10.91 4.79 -19.78
N LYS C 14 11.80 5.68 -19.36
CA LYS C 14 12.19 5.78 -17.97
C LYS C 14 11.00 6.19 -17.14
N SER C 15 10.20 7.10 -17.67
CA SER C 15 9.03 7.57 -16.93
C SER C 15 8.00 6.47 -16.73
N ARG C 16 7.68 5.73 -17.79
CA ARG C 16 6.70 4.64 -17.65
C ARG C 16 7.22 3.57 -16.69
N ALA C 17 8.50 3.27 -16.76
CA ALA C 17 9.09 2.29 -15.86
C ALA C 17 9.02 2.78 -14.43
N LYS C 18 9.22 4.08 -14.24
CA LYS C 18 9.16 4.68 -12.90
C LYS C 18 7.80 4.49 -12.24
N PHE C 19 6.72 4.70 -12.98
CA PHE C 19 5.38 4.54 -12.44
C PHE C 19 5.03 3.09 -12.17
N LYS C 20 5.38 2.21 -13.10
CA LYS C 20 5.13 0.78 -12.90
C LYS C 20 5.87 0.30 -11.66
N GLN C 21 7.10 0.77 -11.49
CA GLN C 21 7.90 0.37 -10.33
C GLN C 21 7.34 0.99 -9.07
N LEU C 22 6.75 2.16 -9.19
CA LEU C 22 6.11 2.80 -8.05
C LEU C 22 4.89 2.01 -7.60
N LEU C 23 4.12 1.49 -8.55
CA LEU C 23 2.95 0.69 -8.23
C LEU C 23 3.30 -0.58 -7.49
N GLN C 24 4.31 -1.28 -7.98
CA GLN C 24 4.75 -2.52 -7.36
C GLN C 24 5.25 -2.25 -5.96
N HIS C 25 5.93 -1.12 -5.78
CA HIS C 25 6.43 -0.73 -4.47
C HIS C 25 5.28 -0.55 -3.48
N TYR C 26 4.27 0.21 -3.89
CA TYR C 26 3.12 0.47 -3.03
C TYR C 26 2.31 -0.81 -2.78
N ARG C 27 2.36 -1.75 -3.72
CA ARG C 27 1.71 -3.04 -3.53
C ARG C 27 2.46 -3.86 -2.49
N GLU C 28 3.78 -3.92 -2.61
CA GLU C 28 4.62 -4.68 -1.69
C GLU C 28 4.52 -4.12 -0.27
N VAL C 29 4.45 -2.79 -0.17
CA VAL C 29 4.31 -2.16 1.13
C VAL C 29 2.95 -2.49 1.75
N ALA C 30 1.89 -2.34 0.94
CA ALA C 30 0.53 -2.60 1.41
C ALA C 30 0.37 -4.05 1.87
N ALA C 31 1.00 -4.97 1.15
CA ALA C 31 0.93 -6.38 1.52
C ALA C 31 1.64 -6.64 2.84
N ALA C 32 2.85 -6.11 2.97
CA ALA C 32 3.68 -6.33 4.14
C ALA C 32 3.02 -5.82 5.42
N LYS C 33 2.47 -4.62 5.36
CA LYS C 33 1.80 -4.03 6.51
C LYS C 33 0.51 -4.77 6.84
N SER C 34 -0.21 -5.21 5.81
CA SER C 34 -1.40 -6.02 6.01
C SER C 34 -1.02 -7.31 6.71
N SER C 35 0.13 -7.86 6.33
CA SER C 35 0.66 -9.07 6.95
C SER C 35 1.02 -8.78 8.41
N GLU C 36 1.69 -7.66 8.63
CA GLU C 36 2.04 -7.24 9.98
C GLU C 36 0.77 -7.04 10.80
N ASN C 37 -0.21 -6.37 10.22
CA ASN C 37 -1.48 -6.09 10.88
C ASN C 37 -2.15 -7.35 11.41
N ASP C 38 -2.16 -8.39 10.57
CA ASP C 38 -2.72 -9.67 10.96
C ASP C 38 -1.88 -10.33 12.05
N ARG C 39 -0.56 -10.27 11.88
CA ARG C 39 0.36 -10.84 12.84
C ARG C 39 0.20 -10.18 14.20
N LEU C 40 -0.03 -8.87 14.19
CA LEU C 40 -0.21 -8.12 15.42
C LEU C 40 -1.56 -8.45 16.08
N ARG C 41 -2.62 -8.40 15.29
CA ARG C 41 -3.97 -8.62 15.81
C ARG C 41 -4.10 -9.98 16.48
N LEU C 42 -3.46 -10.99 15.90
CA LEU C 42 -3.50 -12.34 16.46
C LEU C 42 -2.80 -12.43 17.80
N LEU C 43 -1.59 -11.89 17.85
CA LEU C 43 -0.79 -11.91 19.06
C LEU C 43 -1.51 -11.18 20.20
N LEU C 44 -2.31 -10.19 19.82
CA LEU C 44 -3.10 -9.43 20.78
C LEU C 44 -4.20 -10.29 21.39
N LYS C 45 -4.85 -11.09 20.56
CA LYS C 45 -5.92 -11.96 21.02
C LYS C 45 -5.41 -13.09 21.91
N GLN C 46 -4.20 -13.55 21.63
CA GLN C 46 -3.59 -14.62 22.40
C GLN C 46 -3.23 -14.18 23.82
N MET C 47 -2.64 -12.99 23.92
CA MET C 47 -2.22 -12.46 25.21
C MET C 47 -3.38 -11.95 26.05
N CYS C 48 -4.31 -11.26 25.41
CA CYS C 48 -5.47 -10.71 26.11
C CYS C 48 -6.79 -11.07 25.42
N PRO C 49 -7.30 -12.28 25.67
CA PRO C 49 -8.56 -12.75 25.07
C PRO C 49 -9.76 -11.92 25.50
N SER C 50 -9.63 -11.24 26.64
CA SER C 50 -10.71 -10.45 27.21
C SER C 50 -10.90 -9.11 26.47
N LEU C 51 -9.83 -8.64 25.84
CA LEU C 51 -9.87 -7.37 25.10
C LEU C 51 -10.81 -7.46 23.91
N ASP C 52 -11.57 -6.39 23.67
CA ASP C 52 -12.51 -6.35 22.56
C ASP C 52 -11.83 -6.01 21.24
N VAL C 53 -11.90 -6.94 20.29
CA VAL C 53 -11.24 -6.77 19.00
C VAL C 53 -12.06 -5.85 18.11
N ASP C 54 -11.37 -5.11 17.24
CA ASP C 54 -11.98 -4.15 16.32
C ASP C 54 -12.58 -2.94 17.05
N SER C 55 -12.72 -3.03 18.37
CA SER C 55 -13.29 -1.93 19.13
C SER C 55 -12.34 -0.73 19.23
N ILE C 56 -11.11 -0.97 19.68
CA ILE C 56 -10.14 0.11 19.82
C ILE C 56 -9.61 0.55 18.47
N ILE C 57 -9.16 -0.42 17.68
CA ILE C 57 -8.73 -0.15 16.30
C ILE C 57 -9.64 -0.90 15.33
N PRO C 58 -10.46 -0.16 14.62
CA PRO C 58 -11.39 -0.75 13.67
C PRO C 58 -10.61 -1.50 12.63
N ARG C 59 -11.05 -2.68 12.23
CA ARG C 59 -10.30 -3.44 11.25
C ARG C 59 -10.75 -3.14 9.85
N THR C 60 -9.95 -2.35 9.14
CA THR C 60 -10.25 -1.96 7.79
C THR C 60 -10.10 -3.15 6.88
N PRO C 61 -10.89 -3.17 5.84
CA PRO C 61 -10.87 -4.27 4.90
C PRO C 61 -9.55 -4.31 4.19
N ASP C 62 -9.41 -5.25 3.27
CA ASP C 62 -8.21 -5.42 2.49
C ASP C 62 -7.09 -5.61 3.48
N LEU D 1 -13.75 7.97 -40.11
CA LEU D 1 -12.71 7.24 -39.38
C LEU D 1 -12.24 8.03 -38.16
N GLU D 2 -12.78 9.23 -38.00
CA GLU D 2 -12.48 10.08 -36.85
C GLU D 2 -13.01 9.43 -35.57
N ILE D 3 -14.12 8.71 -35.71
CA ILE D 3 -14.73 8.00 -34.60
C ILE D 3 -13.76 6.99 -34.00
N LYS D 4 -13.01 6.31 -34.85
CA LYS D 4 -12.01 5.35 -34.40
C LYS D 4 -10.99 6.00 -33.49
N ARG D 5 -10.60 7.23 -33.81
CA ARG D 5 -9.64 7.95 -32.99
C ARG D 5 -10.24 8.36 -31.65
N TYR D 6 -11.48 8.83 -31.67
CA TYR D 6 -12.12 9.28 -30.44
C TYR D 6 -12.32 8.11 -29.48
N LYS D 7 -12.73 6.97 -30.02
CA LYS D 7 -12.89 5.76 -29.20
C LYS D 7 -11.53 5.36 -28.63
N ASN D 8 -10.50 5.52 -29.45
CA ASN D 8 -9.15 5.16 -29.08
C ASN D 8 -8.66 6.11 -27.98
N ARG D 9 -9.01 7.36 -28.09
CA ARG D 9 -8.62 8.35 -27.12
C ARG D 9 -9.22 8.11 -25.75
N VAL D 10 -10.50 7.78 -25.75
CA VAL D 10 -11.22 7.54 -24.54
C VAL D 10 -10.66 6.35 -23.80
N ALA D 11 -10.33 5.31 -24.53
CA ALA D 11 -9.80 4.13 -23.90
C ALA D 11 -8.51 4.43 -23.23
N SER D 12 -7.69 5.22 -23.90
CA SER D 12 -6.41 5.56 -23.33
C SER D 12 -6.61 6.35 -22.06
N ARG D 13 -7.54 7.29 -22.09
CA ARG D 13 -7.79 8.07 -20.90
C ARG D 13 -8.24 7.19 -19.77
N LYS D 14 -9.10 6.24 -20.05
CA LYS D 14 -9.57 5.37 -19.00
C LYS D 14 -8.49 4.51 -18.43
N SER D 15 -7.65 3.96 -19.29
CA SER D 15 -6.58 3.08 -18.86
C SER D 15 -5.57 3.76 -17.99
N ARG D 16 -5.20 4.94 -18.40
CA ARG D 16 -4.25 5.74 -17.64
C ARG D 16 -4.85 6.14 -16.28
N ALA D 17 -6.12 6.53 -16.28
CA ALA D 17 -6.81 6.89 -15.04
C ALA D 17 -6.94 5.68 -14.11
N LYS D 18 -7.21 4.52 -14.70
CA LYS D 18 -7.35 3.29 -13.94
C LYS D 18 -6.08 2.98 -13.18
N PHE D 19 -4.94 3.16 -13.85
CA PHE D 19 -3.64 2.89 -13.26
C PHE D 19 -3.31 3.92 -12.18
N LYS D 20 -3.57 5.19 -12.46
CA LYS D 20 -3.35 6.25 -11.48
C LYS D 20 -4.19 6.00 -10.23
N GLN D 21 -5.44 5.61 -10.41
CA GLN D 21 -6.33 5.38 -9.27
C GLN D 21 -5.95 4.11 -8.52
N LEU D 22 -5.42 3.13 -9.23
CA LEU D 22 -4.94 1.91 -8.60
C LEU D 22 -3.73 2.25 -7.73
N LEU D 23 -2.93 3.19 -8.23
CA LEU D 23 -1.75 3.64 -7.50
C LEU D 23 -2.18 4.28 -6.18
N GLN D 24 -3.17 5.17 -6.24
CA GLN D 24 -3.70 5.82 -5.03
C GLN D 24 -4.30 4.81 -4.06
N HIS D 25 -4.98 3.80 -4.61
CA HIS D 25 -5.64 2.79 -3.79
C HIS D 25 -4.65 2.06 -2.88
N TYR D 26 -3.53 1.61 -3.45
CA TYR D 26 -2.52 0.91 -2.67
C TYR D 26 -1.85 1.87 -1.68
N ARG D 27 -1.84 3.15 -2.02
CA ARG D 27 -1.33 4.17 -1.12
C ARG D 27 -2.27 4.32 0.07
N GLU D 28 -3.57 4.40 -0.22
CA GLU D 28 -4.55 4.57 0.83
C GLU D 28 -4.60 3.36 1.75
N VAL D 29 -4.46 2.17 1.16
CA VAL D 29 -4.46 0.94 1.94
C VAL D 29 -3.23 0.88 2.85
N ALA D 30 -2.06 1.15 2.28
CA ALA D 30 -0.82 1.11 3.03
C ALA D 30 -0.82 2.12 4.18
N ALA D 31 -1.40 3.29 3.91
CA ALA D 31 -1.46 4.34 4.93
C ALA D 31 -2.36 3.94 6.09
N ALA D 32 -3.54 3.41 5.76
CA ALA D 32 -4.51 3.03 6.77
C ALA D 32 -3.98 1.91 7.66
N LYS D 33 -3.36 0.90 7.05
CA LYS D 33 -2.81 -0.23 7.79
C LYS D 33 -1.62 0.18 8.66
N SER D 34 -0.79 1.08 8.12
CA SER D 34 0.36 1.60 8.85
C SER D 34 -0.09 2.30 10.13
N SER D 35 -1.21 3.01 10.04
CA SER D 35 -1.79 3.68 11.19
C SER D 35 -2.24 2.66 12.23
N GLU D 36 -2.91 1.63 11.78
CA GLU D 36 -3.33 0.62 12.71
C GLU D 36 -2.12 0.03 13.35
N ASN D 37 -1.18 -0.42 12.53
CA ASN D 37 0.02 -1.07 13.03
C ASN D 37 0.66 -0.30 14.18
N ASP D 38 0.73 1.01 14.05
CA ASP D 38 1.26 1.84 15.11
C ASP D 38 0.32 1.83 16.30
N ARG D 39 -0.98 1.94 16.04
CA ARG D 39 -1.99 1.92 17.10
C ARG D 39 -1.99 0.60 17.85
N LEU D 40 -1.80 -0.49 17.12
CA LEU D 40 -1.81 -1.82 17.72
C LEU D 40 -0.56 -2.06 18.58
N ARG D 41 0.61 -1.74 18.04
CA ARG D 41 1.88 -2.00 18.72
C ARG D 41 1.95 -1.36 20.10
N LEU D 42 1.47 -0.13 20.22
CA LEU D 42 1.50 0.57 21.50
C LEU D 42 0.55 -0.07 22.50
N LEU D 43 -0.66 -0.36 22.05
CA LEU D 43 -1.68 -0.98 22.90
C LEU D 43 -1.25 -2.36 23.38
N LEU D 44 -0.45 -3.05 22.56
CA LEU D 44 0.09 -4.35 22.93
C LEU D 44 1.13 -4.20 24.04
N LYS D 45 1.97 -3.18 23.92
CA LYS D 45 3.00 -2.91 24.90
C LYS D 45 2.39 -2.45 26.22
N GLN D 46 1.25 -1.77 26.14
CA GLN D 46 0.56 -1.28 27.32
C GLN D 46 0.02 -2.44 28.15
N MET D 47 -0.58 -3.41 27.48
CA MET D 47 -1.18 -4.56 28.17
C MET D 47 -0.11 -5.54 28.64
N CYS D 48 0.88 -5.81 27.80
CA CYS D 48 1.96 -6.74 28.14
C CYS D 48 3.32 -6.10 27.91
N PRO D 49 3.77 -5.30 28.87
CA PRO D 49 5.06 -4.59 28.78
C PRO D 49 6.28 -5.50 28.72
N SER D 50 6.15 -6.73 29.25
CA SER D 50 7.29 -7.63 29.30
C SER D 50 7.59 -8.25 27.93
N LEU D 51 6.55 -8.39 27.11
CA LEU D 51 6.73 -8.95 25.77
C LEU D 51 7.50 -7.99 24.87
N ASP D 52 8.44 -8.52 24.11
CA ASP D 52 9.19 -7.69 23.16
C ASP D 52 8.40 -7.56 21.87
N VAL D 53 8.01 -6.34 21.54
CA VAL D 53 7.15 -6.11 20.38
C VAL D 53 7.91 -6.16 19.06
N ASP D 54 9.03 -5.47 18.98
CA ASP D 54 9.79 -5.41 17.74
C ASP D 54 10.65 -6.66 17.51
N SER D 55 10.86 -7.44 18.57
CA SER D 55 11.66 -8.66 18.47
C SER D 55 10.88 -9.75 17.74
N ILE D 56 9.68 -10.03 18.22
CA ILE D 56 8.85 -11.07 17.65
C ILE D 56 8.31 -10.66 16.29
N ILE D 57 7.72 -9.47 16.23
CA ILE D 57 7.23 -8.94 14.97
C ILE D 57 7.98 -7.68 14.57
N PRO D 58 8.83 -7.79 13.53
CA PRO D 58 9.62 -6.68 12.99
C PRO D 58 8.75 -5.57 12.42
N ARG D 59 9.20 -4.34 12.49
CA ARG D 59 8.41 -3.23 11.98
C ARG D 59 8.76 -3.03 10.52
N THR D 60 7.79 -3.35 9.66
CA THR D 60 7.93 -3.23 8.22
C THR D 60 7.83 -1.81 7.71
N PRO D 61 8.74 -1.42 6.80
CA PRO D 61 8.70 -0.10 6.16
C PRO D 61 7.44 -0.01 5.30
N ASP D 62 6.97 1.19 4.94
CA ASP D 62 7.67 2.45 5.17
C ASP D 62 7.33 3.06 6.53
#